data_3O6O
#
_entry.id   3O6O
#
_cell.length_a   55.650
_cell.length_b   65.812
_cell.length_c   62.745
_cell.angle_alpha   90.000
_cell.angle_beta   92.280
_cell.angle_gamma   90.000
#
_symmetry.space_group_name_H-M   'P 1 21 1'
#
loop_
_entity.id
_entity.type
_entity.pdbx_description
1 polymer 'Heat shock protein 83'
2 non-polymer 6-chloro-9-[(4-methoxy-3,5-dimethylpyridin-2-yl)methyl]-9H-purin-2-amine
3 non-polymer 'PENTAETHYLENE GLYCOL'
4 water water
#
_entity_poly.entity_id   1
_entity_poly.type   'polypeptide(L)'
_entity_poly.pdbx_seq_one_letter_code
;GMTETFAFQAEINQLMSLIINTFYSNKEIFLRELISNSSDACDKIRYQSLTNQSVLGDEPHLRIRVIPDRVNKTLTVEDS
GIGMTKADLVNNLGTIARSGTKSFMEALEAGGDMSMIGQFGVGFYSAYLVADRVTVVSKNNEDDAYTWESSAGGTFTVTS
TPDCDLKRGTRIVLHLKEDQQEYLEERRLKDLIKKHSEFIGYDIELMVENTTEK
;
_entity_poly.pdbx_strand_id   A,B
#
# COMPACT_ATOMS: atom_id res chain seq x y z
N GLY A 1 2.50 -22.23 30.96
CA GLY A 1 2.74 -22.75 29.61
C GLY A 1 3.79 -21.95 28.90
N MET A 2 4.79 -22.63 28.25
CA MET A 2 5.90 -21.96 27.56
C MET A 2 5.42 -21.17 26.35
N THR A 3 5.66 -19.86 26.40
CA THR A 3 5.30 -18.93 25.33
C THR A 3 6.59 -18.35 24.76
N GLU A 4 6.79 -18.48 23.43
CA GLU A 4 7.97 -17.96 22.71
C GLU A 4 7.91 -16.43 22.70
N THR A 5 8.92 -15.78 23.29
CA THR A 5 8.91 -14.31 23.40
C THR A 5 10.15 -13.72 22.72
N PHE A 6 9.94 -12.63 21.98
CA PHE A 6 10.99 -11.98 21.20
C PHE A 6 11.14 -10.51 21.58
N ALA A 7 12.35 -9.96 21.43
CA ALA A 7 12.58 -8.54 21.67
C ALA A 7 12.36 -7.83 20.33
N PHE A 8 11.67 -6.68 20.34
CA PHE A 8 11.49 -5.93 19.10
C PHE A 8 12.84 -5.40 18.64
N GLN A 9 12.98 -5.19 17.33
CA GLN A 9 14.16 -4.58 16.70
C GLN A 9 14.30 -3.15 17.27
N ALA A 10 15.51 -2.60 17.27
CA ALA A 10 15.81 -1.30 17.88
C ALA A 10 14.82 -0.16 17.54
N GLU A 11 14.62 0.08 16.25
CA GLU A 11 13.77 1.14 15.73
C GLU A 11 12.28 0.98 16.10
N ILE A 12 11.75 -0.26 16.09
CA ILE A 12 10.34 -0.53 16.41
C ILE A 12 10.16 -0.30 17.92
N ASN A 13 11.10 -0.85 18.71
CA ASN A 13 11.15 -0.75 20.16
C ASN A 13 11.10 0.76 20.53
N GLN A 14 11.89 1.60 19.83
CA GLN A 14 11.93 3.04 20.08
C GLN A 14 10.63 3.71 19.64
N LEU A 15 10.03 3.28 18.50
CA LEU A 15 8.78 3.84 17.99
C LEU A 15 7.61 3.52 18.92
N MET A 16 7.55 2.28 19.42
CA MET A 16 6.44 1.94 20.32
C MET A 16 6.56 2.70 21.65
N SER A 17 7.81 2.92 22.12
CA SER A 17 8.14 3.66 23.35
C SER A 17 7.61 5.11 23.26
N LEU A 18 7.71 5.72 22.05
CA LEU A 18 7.24 7.06 21.68
C LEU A 18 5.72 7.14 21.65
N ILE A 19 5.07 6.17 20.99
CA ILE A 19 3.60 6.15 20.81
C ILE A 19 2.81 6.06 22.12
N ILE A 20 3.17 5.11 23.01
CA ILE A 20 2.44 4.82 24.25
C ILE A 20 2.40 5.98 25.25
N ASN A 21 1.26 6.06 25.96
CA ASN A 21 0.97 6.99 27.07
C ASN A 21 1.35 8.42 26.76
N THR A 22 0.96 8.88 25.57
CA THR A 22 1.24 10.24 25.11
C THR A 22 -0.05 10.89 24.66
N PHE A 23 -0.24 12.18 25.01
CA PHE A 23 -1.40 12.93 24.53
C PHE A 23 -1.27 13.14 23.01
N TYR A 24 -2.40 13.03 22.29
CA TYR A 24 -2.55 13.32 20.87
C TYR A 24 -4.00 13.70 20.62
N SER A 25 -4.24 14.75 19.82
CA SER A 25 -5.60 15.26 19.61
C SER A 25 -6.44 14.42 18.63
N ASN A 26 -5.81 13.53 17.82
CA ASN A 26 -6.54 12.75 16.80
C ASN A 26 -6.21 11.27 16.89
N LYS A 27 -6.41 10.65 18.05
CA LYS A 27 -6.10 9.25 18.26
C LYS A 27 -7.02 8.32 17.47
N GLU A 28 -8.19 8.85 17.00
CA GLU A 28 -9.21 8.15 16.19
C GLU A 28 -8.67 7.57 14.86
N ILE A 29 -7.55 8.13 14.34
CA ILE A 29 -6.90 7.71 13.09
C ILE A 29 -6.47 6.23 13.12
N PHE A 30 -6.37 5.59 14.32
CA PHE A 30 -5.97 4.18 14.39
C PHE A 30 -6.88 3.29 13.52
N LEU A 31 -8.19 3.60 13.50
CA LEU A 31 -9.18 2.81 12.78
C LEU A 31 -8.94 2.83 11.29
N ARG A 32 -8.74 4.04 10.71
N ARG A 32 -8.76 4.02 10.69
CA ARG A 32 -8.42 4.24 9.29
CA ARG A 32 -8.49 4.09 9.25
C ARG A 32 -7.17 3.42 8.92
C ARG A 32 -7.15 3.40 8.89
N GLU A 33 -6.14 3.42 9.80
CA GLU A 33 -4.88 2.73 9.57
C GLU A 33 -5.07 1.20 9.51
N LEU A 34 -5.88 0.65 10.44
CA LEU A 34 -6.12 -0.82 10.47
C LEU A 34 -7.00 -1.27 9.30
N ILE A 35 -8.02 -0.47 8.93
CA ILE A 35 -8.93 -0.76 7.80
C ILE A 35 -8.16 -0.71 6.47
N SER A 36 -7.24 0.28 6.30
CA SER A 36 -6.40 0.41 5.08
C SER A 36 -5.50 -0.83 4.93
N ASN A 37 -4.89 -1.31 6.04
CA ASN A 37 -4.07 -2.53 6.05
C ASN A 37 -4.90 -3.72 5.62
N SER A 38 -6.12 -3.89 6.21
CA SER A 38 -7.08 -4.95 5.88
C SER A 38 -7.48 -4.86 4.38
N SER A 39 -7.71 -3.63 3.85
CA SER A 39 -8.05 -3.44 2.41
C SER A 39 -6.91 -3.93 1.54
N ASP A 40 -5.65 -3.60 1.92
CA ASP A 40 -4.44 -4.04 1.23
C ASP A 40 -4.27 -5.56 1.26
N ALA A 41 -4.53 -6.21 2.43
CA ALA A 41 -4.44 -7.68 2.57
C ALA A 41 -5.47 -8.40 1.69
N CYS A 42 -6.68 -7.83 1.59
CA CYS A 42 -7.76 -8.30 0.75
C CYS A 42 -7.36 -8.14 -0.71
N ASP A 43 -6.78 -6.97 -1.08
CA ASP A 43 -6.29 -6.73 -2.45
C ASP A 43 -5.21 -7.74 -2.85
N LYS A 44 -4.26 -8.08 -1.94
CA LYS A 44 -3.17 -9.02 -2.26
C LYS A 44 -3.73 -10.40 -2.61
N ILE A 45 -4.69 -10.89 -1.83
CA ILE A 45 -5.27 -12.21 -2.10
C ILE A 45 -6.19 -12.15 -3.34
N ARG A 46 -6.87 -11.02 -3.58
CA ARG A 46 -7.70 -10.84 -4.78
C ARG A 46 -6.75 -10.89 -6.00
N TYR A 47 -5.59 -10.21 -5.92
CA TYR A 47 -4.63 -10.18 -7.02
C TYR A 47 -4.08 -11.59 -7.32
N GLN A 48 -3.68 -12.34 -6.28
CA GLN A 48 -3.17 -13.72 -6.39
C GLN A 48 -4.21 -14.67 -6.99
N SER A 49 -5.50 -14.45 -6.65
CA SER A 49 -6.63 -15.25 -7.16
C SER A 49 -6.87 -15.06 -8.67
N LEU A 50 -6.36 -13.96 -9.27
CA LEU A 50 -6.54 -13.70 -10.70
C LEU A 50 -5.69 -14.67 -11.56
N THR A 51 -4.56 -15.17 -11.03
CA THR A 51 -3.65 -16.14 -11.67
C THR A 51 -3.98 -17.57 -11.17
N ASN A 52 -4.12 -17.74 -9.84
CA ASN A 52 -4.44 -19.02 -9.20
C ASN A 52 -5.65 -18.85 -8.27
N GLN A 53 -6.85 -19.24 -8.75
CA GLN A 53 -8.10 -19.17 -7.99
C GLN A 53 -8.08 -20.07 -6.75
N SER A 54 -7.28 -21.17 -6.78
CA SER A 54 -7.13 -22.13 -5.67
C SER A 54 -6.60 -21.46 -4.39
N VAL A 55 -6.07 -20.21 -4.52
CA VAL A 55 -5.55 -19.44 -3.40
C VAL A 55 -6.69 -19.01 -2.45
N LEU A 56 -7.92 -18.90 -3.00
CA LEU A 56 -9.12 -18.55 -2.25
C LEU A 56 -9.54 -19.68 -1.31
N GLY A 57 -9.20 -20.92 -1.67
CA GLY A 57 -9.48 -22.13 -0.91
C GLY A 57 -10.92 -22.27 -0.46
N ASP A 58 -11.11 -22.38 0.86
CA ASP A 58 -12.46 -22.50 1.43
C ASP A 58 -13.02 -21.12 1.87
N GLU A 59 -12.27 -20.02 1.62
CA GLU A 59 -12.70 -18.66 1.98
C GLU A 59 -12.69 -17.76 0.72
N PRO A 60 -13.75 -17.82 -0.11
CA PRO A 60 -13.74 -17.01 -1.34
C PRO A 60 -14.18 -15.55 -1.16
N HIS A 61 -14.70 -15.19 0.04
N HIS A 61 -14.71 -15.20 0.03
CA HIS A 61 -15.25 -13.87 0.31
CA HIS A 61 -15.18 -13.86 0.29
C HIS A 61 -14.27 -12.94 1.04
C HIS A 61 -14.06 -12.99 0.87
N LEU A 62 -14.08 -11.72 0.48
CA LEU A 62 -13.15 -10.74 1.00
C LEU A 62 -13.91 -9.70 1.78
N ARG A 63 -13.65 -9.62 3.08
CA ARG A 63 -14.33 -8.66 3.94
C ARG A 63 -13.40 -8.05 4.98
N ILE A 64 -13.87 -6.94 5.56
CA ILE A 64 -13.26 -6.18 6.63
C ILE A 64 -14.40 -6.05 7.65
N ARG A 65 -14.18 -6.51 8.89
CA ARG A 65 -15.21 -6.49 9.92
C ARG A 65 -14.71 -5.81 11.19
N VAL A 66 -15.56 -4.96 11.81
CA VAL A 66 -15.26 -4.21 13.04
C VAL A 66 -16.20 -4.72 14.13
N ILE A 67 -15.61 -5.32 15.18
CA ILE A 67 -16.37 -5.95 16.25
C ILE A 67 -16.05 -5.32 17.62
N PRO A 68 -16.93 -4.45 18.16
CA PRO A 68 -16.71 -3.97 19.54
C PRO A 68 -17.22 -5.04 20.52
N ASP A 69 -16.47 -5.31 21.59
CA ASP A 69 -16.90 -6.27 22.60
C ASP A 69 -17.11 -5.44 23.88
N ARG A 70 -18.39 -5.09 24.16
CA ARG A 70 -18.75 -4.23 25.29
C ARG A 70 -18.51 -4.84 26.68
N VAL A 71 -18.36 -6.18 26.79
CA VAL A 71 -18.07 -6.87 28.05
C VAL A 71 -16.53 -7.00 28.28
N ASN A 72 -15.79 -7.50 27.27
CA ASN A 72 -14.34 -7.66 27.37
C ASN A 72 -13.57 -6.34 27.21
N LYS A 73 -14.27 -5.26 26.79
CA LYS A 73 -13.75 -3.91 26.53
C LYS A 73 -12.67 -3.95 25.43
N THR A 74 -12.99 -4.66 24.33
CA THR A 74 -12.09 -4.82 23.18
C THR A 74 -12.74 -4.37 21.88
N LEU A 75 -11.93 -3.91 20.94
CA LEU A 75 -12.38 -3.54 19.60
C LEU A 75 -11.58 -4.40 18.64
N THR A 76 -12.28 -5.17 17.82
CA THR A 76 -11.60 -6.08 16.90
C THR A 76 -11.76 -5.63 15.47
N VAL A 77 -10.66 -5.69 14.71
CA VAL A 77 -10.67 -5.40 13.27
C VAL A 77 -10.21 -6.68 12.58
N GLU A 78 -11.15 -7.39 11.94
CA GLU A 78 -10.79 -8.64 11.28
C GLU A 78 -11.12 -8.64 9.78
N ASP A 79 -10.27 -9.33 9.03
CA ASP A 79 -10.38 -9.42 7.58
C ASP A 79 -10.08 -10.83 7.13
N SER A 80 -10.49 -11.15 5.88
CA SER A 80 -10.24 -12.42 5.22
C SER A 80 -9.19 -12.20 4.08
N GLY A 81 -8.23 -11.34 4.38
CA GLY A 81 -7.13 -11.01 3.48
C GLY A 81 -6.08 -12.10 3.41
N ILE A 82 -4.90 -11.76 2.84
CA ILE A 82 -3.74 -12.64 2.65
C ILE A 82 -3.27 -13.31 3.96
N GLY A 83 -3.34 -12.60 5.10
CA GLY A 83 -2.86 -13.12 6.38
C GLY A 83 -1.35 -13.06 6.49
N MET A 84 -0.82 -13.37 7.68
CA MET A 84 0.61 -13.34 7.96
C MET A 84 1.12 -14.68 8.45
N THR A 85 2.33 -15.05 7.99
CA THR A 85 3.04 -16.30 8.36
C THR A 85 3.77 -16.06 9.71
N LYS A 86 4.35 -17.11 10.34
CA LYS A 86 5.12 -16.94 11.59
C LYS A 86 6.36 -16.03 11.34
N ALA A 87 7.11 -16.29 10.25
CA ALA A 87 8.28 -15.52 9.82
C ALA A 87 7.91 -14.04 9.58
N ASP A 88 6.68 -13.76 9.12
CA ASP A 88 6.18 -12.38 8.94
C ASP A 88 6.07 -11.71 10.29
N LEU A 89 5.42 -12.41 11.23
CA LEU A 89 5.15 -11.92 12.58
C LEU A 89 6.43 -11.63 13.35
N VAL A 90 7.38 -12.57 13.28
CA VAL A 90 8.65 -12.50 13.97
C VAL A 90 9.65 -11.54 13.30
N ASN A 91 9.90 -11.63 11.96
CA ASN A 91 10.96 -10.84 11.35
C ASN A 91 10.67 -10.02 10.09
N ASN A 92 10.02 -10.63 9.08
CA ASN A 92 9.87 -10.07 7.74
C ASN A 92 9.17 -8.74 7.65
N LEU A 93 8.11 -8.51 8.45
CA LEU A 93 7.41 -7.23 8.39
C LEU A 93 8.31 -6.10 8.88
N GLY A 94 8.97 -6.33 10.01
CA GLY A 94 9.92 -5.41 10.62
C GLY A 94 11.09 -5.09 9.71
N THR A 95 11.56 -6.10 8.94
CA THR A 95 12.67 -5.94 7.98
C THR A 95 12.29 -4.92 6.89
N ILE A 96 11.11 -5.09 6.25
CA ILE A 96 10.62 -4.20 5.19
C ILE A 96 10.27 -2.80 5.75
N ALA A 97 9.77 -2.75 7.00
CA ALA A 97 9.34 -1.50 7.65
C ALA A 97 10.48 -0.70 8.31
N ARG A 98 11.64 -1.34 8.50
CA ARG A 98 12.81 -0.77 9.18
C ARG A 98 13.13 0.67 8.76
N SER A 99 13.36 0.91 7.46
CA SER A 99 13.76 2.24 6.97
C SER A 99 12.70 3.32 7.29
N GLY A 100 11.43 2.98 7.06
CA GLY A 100 10.27 3.84 7.30
C GLY A 100 10.06 4.12 8.77
N THR A 101 10.33 3.10 9.65
CA THR A 101 10.22 3.22 11.12
C THR A 101 11.23 4.27 11.62
N LYS A 102 12.51 4.13 11.20
CA LYS A 102 13.60 5.09 11.50
C LYS A 102 13.26 6.48 10.97
N SER A 103 12.78 6.59 9.70
CA SER A 103 12.40 7.88 9.13
C SER A 103 11.24 8.54 9.88
N PHE A 104 10.19 7.79 10.29
CA PHE A 104 9.04 8.35 11.02
C PHE A 104 9.44 8.80 12.41
N MET A 105 10.36 8.06 13.03
CA MET A 105 10.93 8.38 14.34
C MET A 105 11.64 9.73 14.29
N GLU A 106 12.42 9.95 13.22
CA GLU A 106 13.11 11.19 12.96
C GLU A 106 12.11 12.34 12.75
N ALA A 107 10.99 12.10 12.02
CA ALA A 107 9.96 13.13 11.79
C ALA A 107 9.27 13.48 13.10
N LEU A 108 8.99 12.47 13.98
CA LEU A 108 8.33 12.67 15.27
C LEU A 108 9.22 13.49 16.26
N GLU A 109 10.53 13.19 16.32
CA GLU A 109 11.51 13.95 17.14
C GLU A 109 11.60 15.43 16.69
N ALA A 110 11.22 15.73 15.41
CA ALA A 110 11.21 17.05 14.77
C ALA A 110 9.84 17.76 14.88
N GLY A 111 8.94 17.21 15.69
CA GLY A 111 7.60 17.76 15.85
C GLY A 111 6.58 17.25 14.86
N GLY A 112 6.91 16.18 14.13
CA GLY A 112 6.04 15.60 13.11
C GLY A 112 4.70 15.14 13.64
N ASP A 113 3.66 15.27 12.79
CA ASP A 113 2.30 14.87 13.11
C ASP A 113 2.13 13.35 13.02
N MET A 114 1.57 12.77 14.06
CA MET A 114 1.36 11.32 14.22
C MET A 114 0.40 10.76 13.15
N SER A 115 -0.50 11.60 12.61
CA SER A 115 -1.45 11.20 11.59
C SER A 115 -0.80 10.70 10.27
N MET A 116 0.46 11.07 10.01
CA MET A 116 1.13 10.63 8.78
C MET A 116 1.86 9.26 8.90
N ILE A 117 1.69 8.53 10.03
CA ILE A 117 2.26 7.19 10.33
C ILE A 117 2.12 6.18 9.16
N GLY A 118 0.94 6.17 8.53
CA GLY A 118 0.61 5.28 7.42
C GLY A 118 1.45 5.53 6.18
N GLN A 119 1.82 6.81 5.92
CA GLN A 119 2.70 7.17 4.81
C GLN A 119 4.12 6.59 5.03
N PHE A 120 4.44 6.24 6.28
CA PHE A 120 5.73 5.66 6.60
C PHE A 120 5.66 4.13 6.63
N GLY A 121 4.48 3.59 6.38
CA GLY A 121 4.19 2.15 6.29
C GLY A 121 4.20 1.42 7.60
N VAL A 122 3.94 2.14 8.71
CA VAL A 122 3.91 1.53 10.05
C VAL A 122 2.61 1.88 10.79
N GLY A 123 1.54 2.11 10.02
CA GLY A 123 0.20 2.45 10.53
C GLY A 123 -0.37 1.55 11.60
N PHE A 124 -0.04 0.25 11.56
CA PHE A 124 -0.51 -0.73 12.54
C PHE A 124 -0.22 -0.28 13.98
N TYR A 125 0.94 0.38 14.19
CA TYR A 125 1.42 0.81 15.50
C TYR A 125 0.58 1.91 16.14
N SER A 126 -0.26 2.60 15.34
CA SER A 126 -1.20 3.60 15.82
C SER A 126 -2.28 2.97 16.73
N ALA A 127 -2.43 1.61 16.69
CA ALA A 127 -3.35 0.90 17.58
C ALA A 127 -2.95 1.15 19.04
N TYR A 128 -1.64 1.38 19.31
CA TYR A 128 -1.16 1.64 20.68
C TYR A 128 -1.48 3.05 21.17
N LEU A 129 -2.08 3.89 20.32
CA LEU A 129 -2.56 5.21 20.75
C LEU A 129 -3.81 4.99 21.62
N VAL A 130 -4.57 3.89 21.39
CA VAL A 130 -5.84 3.63 22.10
C VAL A 130 -5.84 2.32 22.92
N ALA A 131 -4.96 1.38 22.59
CA ALA A 131 -4.89 0.09 23.28
C ALA A 131 -3.62 -0.04 24.12
N ASP A 132 -3.70 -0.80 25.21
CA ASP A 132 -2.56 -1.04 26.11
C ASP A 132 -2.00 -2.46 25.84
N ARG A 133 -2.75 -3.27 25.06
CA ARG A 133 -2.39 -4.60 24.58
C ARG A 133 -3.07 -4.83 23.22
N VAL A 134 -2.35 -5.44 22.27
CA VAL A 134 -2.88 -5.76 20.95
C VAL A 134 -2.55 -7.24 20.73
N THR A 135 -3.58 -8.04 20.44
CA THR A 135 -3.47 -9.46 20.13
C THR A 135 -3.77 -9.54 18.62
N VAL A 136 -2.89 -10.20 17.85
CA VAL A 136 -3.05 -10.37 16.41
C VAL A 136 -3.08 -11.86 16.09
N VAL A 137 -4.24 -12.37 15.65
CA VAL A 137 -4.45 -13.77 15.24
C VAL A 137 -4.40 -13.74 13.70
N SER A 138 -3.51 -14.53 13.08
N SER A 138 -3.52 -14.54 13.08
CA SER A 138 -3.40 -14.52 11.62
CA SER A 138 -3.41 -14.53 11.64
C SER A 138 -3.15 -15.89 11.03
C SER A 138 -3.15 -15.90 11.03
N LYS A 139 -3.79 -16.15 9.88
CA LYS A 139 -3.68 -17.38 9.11
C LYS A 139 -3.39 -16.98 7.68
N ASN A 140 -2.25 -17.42 7.18
CA ASN A 140 -1.79 -17.22 5.80
C ASN A 140 -1.76 -18.62 5.19
N ASN A 141 -2.03 -18.74 3.86
CA ASN A 141 -2.07 -20.06 3.18
C ASN A 141 -0.80 -20.88 3.29
N GLU A 142 0.36 -20.19 3.37
N GLU A 142 0.37 -20.22 3.37
CA GLU A 142 1.69 -20.78 3.42
CA GLU A 142 1.67 -20.90 3.43
C GLU A 142 2.15 -21.19 4.84
C GLU A 142 2.09 -21.32 4.85
N ASP A 143 1.31 -20.99 5.89
CA ASP A 143 1.67 -21.36 7.28
C ASP A 143 0.49 -21.82 8.13
N ASP A 144 0.77 -22.19 9.39
CA ASP A 144 -0.24 -22.52 10.38
C ASP A 144 -0.77 -21.20 10.94
N ALA A 145 -1.86 -21.24 11.71
CA ALA A 145 -2.40 -20.04 12.34
C ALA A 145 -1.54 -19.69 13.56
N TYR A 146 -1.23 -18.40 13.74
CA TYR A 146 -0.39 -17.95 14.85
C TYR A 146 -1.01 -16.74 15.51
N THR A 147 -0.63 -16.57 16.79
CA THR A 147 -1.07 -15.45 17.61
C THR A 147 0.16 -14.68 18.03
N TRP A 148 0.13 -13.40 17.71
CA TRP A 148 1.16 -12.44 18.07
C TRP A 148 0.48 -11.59 19.17
N GLU A 149 1.24 -11.14 20.18
CA GLU A 149 0.69 -10.29 21.26
C GLU A 149 1.77 -9.42 21.84
N SER A 150 1.41 -8.15 22.15
CA SER A 150 2.33 -7.19 22.76
C SER A 150 1.61 -6.08 23.52
N SER A 151 2.23 -5.70 24.66
CA SER A 151 1.86 -4.60 25.55
C SER A 151 2.85 -3.42 25.36
N ALA A 152 3.65 -3.42 24.27
CA ALA A 152 4.61 -2.35 23.93
C ALA A 152 5.64 -2.03 25.08
N GLY A 153 6.13 -3.06 25.73
CA GLY A 153 7.15 -2.97 26.77
C GLY A 153 8.52 -3.40 26.28
N GLY A 154 8.65 -3.60 24.96
CA GLY A 154 9.90 -4.00 24.32
C GLY A 154 9.91 -5.43 23.79
N THR A 155 8.87 -6.20 24.12
CA THR A 155 8.78 -7.61 23.73
C THR A 155 7.42 -7.96 23.11
N PHE A 156 7.38 -9.11 22.41
CA PHE A 156 6.15 -9.64 21.82
C PHE A 156 6.19 -11.16 21.84
N THR A 157 5.02 -11.77 22.02
CA THR A 157 4.90 -13.21 22.04
C THR A 157 4.34 -13.71 20.72
N VAL A 158 4.73 -14.94 20.33
CA VAL A 158 4.24 -15.61 19.13
C VAL A 158 3.95 -17.06 19.50
N THR A 159 2.68 -17.46 19.45
CA THR A 159 2.17 -18.78 19.81
C THR A 159 1.34 -19.38 18.68
N SER A 160 1.52 -20.69 18.39
CA SER A 160 0.69 -21.38 17.38
C SER A 160 -0.75 -21.52 17.93
N THR A 161 -1.76 -21.28 17.07
CA THR A 161 -3.18 -21.37 17.42
C THR A 161 -3.81 -22.38 16.47
N PRO A 162 -3.62 -23.70 16.67
CA PRO A 162 -4.15 -24.68 15.69
C PRO A 162 -5.65 -24.99 15.83
N ASP A 163 -6.41 -24.12 16.51
CA ASP A 163 -7.85 -24.32 16.72
C ASP A 163 -8.65 -23.01 16.53
N CYS A 164 -8.08 -22.02 15.80
CA CYS A 164 -8.78 -20.77 15.59
C CYS A 164 -9.76 -20.86 14.39
N ASP A 165 -10.85 -20.07 14.50
CA ASP A 165 -11.96 -19.90 13.54
C ASP A 165 -11.49 -19.56 12.11
N LEU A 166 -10.45 -18.71 12.00
CA LEU A 166 -9.89 -18.16 10.76
C LEU A 166 -9.41 -19.17 9.72
N LYS A 167 -10.08 -19.18 8.55
CA LYS A 167 -9.65 -20.02 7.42
C LYS A 167 -8.47 -19.34 6.73
N ARG A 168 -8.49 -17.99 6.69
CA ARG A 168 -7.43 -17.16 6.08
C ARG A 168 -7.69 -15.71 6.50
N GLY A 169 -6.63 -14.98 6.77
CA GLY A 169 -6.79 -13.58 7.15
C GLY A 169 -6.21 -13.22 8.50
N THR A 170 -6.62 -12.06 9.03
CA THR A 170 -6.10 -11.47 10.26
C THR A 170 -7.22 -10.96 11.14
N ARG A 171 -7.05 -11.15 12.45
CA ARG A 171 -7.97 -10.66 13.47
C ARG A 171 -7.12 -9.84 14.47
N ILE A 172 -7.36 -8.52 14.52
CA ILE A 172 -6.62 -7.63 15.41
C ILE A 172 -7.50 -7.24 16.58
N VAL A 173 -7.12 -7.65 17.80
CA VAL A 173 -7.88 -7.38 19.02
C VAL A 173 -7.21 -6.27 19.84
N LEU A 174 -7.84 -5.09 19.87
CA LEU A 174 -7.39 -3.94 20.63
C LEU A 174 -8.02 -3.92 22.04
N HIS A 175 -7.21 -4.19 23.09
N HIS A 175 -7.21 -4.18 23.08
CA HIS A 175 -7.68 -4.15 24.48
CA HIS A 175 -7.66 -4.13 24.48
C HIS A 175 -7.59 -2.67 24.85
C HIS A 175 -7.57 -2.65 24.85
N LEU A 176 -8.71 -1.94 24.70
CA LEU A 176 -8.77 -0.49 24.90
C LEU A 176 -8.40 -0.05 26.28
N LYS A 177 -7.64 1.05 26.34
CA LYS A 177 -7.23 1.72 27.57
C LYS A 177 -8.49 2.29 28.21
N GLU A 178 -8.44 2.44 29.55
CA GLU A 178 -9.54 2.91 30.43
C GLU A 178 -10.24 4.18 29.93
N ASP A 179 -9.47 5.12 29.36
CA ASP A 179 -10.00 6.40 28.85
C ASP A 179 -10.26 6.39 27.33
N GLN A 180 -10.09 5.23 26.68
CA GLN A 180 -10.34 5.12 25.23
C GLN A 180 -11.58 4.25 24.92
N GLN A 181 -12.50 4.12 25.92
CA GLN A 181 -13.71 3.31 25.83
C GLN A 181 -14.73 3.81 24.79
N GLU A 182 -14.62 5.09 24.33
CA GLU A 182 -15.55 5.62 23.32
C GLU A 182 -15.58 4.80 22.02
N TYR A 183 -14.47 4.10 21.69
CA TYR A 183 -14.36 3.28 20.48
C TYR A 183 -15.16 1.97 20.55
N LEU A 184 -15.97 1.78 21.61
CA LEU A 184 -16.85 0.61 21.73
C LEU A 184 -18.30 0.96 21.32
N GLU A 185 -18.60 2.27 21.32
CA GLU A 185 -19.90 2.86 21.04
C GLU A 185 -20.23 2.78 19.55
N GLU A 186 -21.49 2.41 19.26
CA GLU A 186 -21.99 2.24 17.89
C GLU A 186 -21.92 3.52 17.05
N ARG A 187 -22.43 4.66 17.58
CA ARG A 187 -22.45 5.96 16.92
C ARG A 187 -21.04 6.44 16.59
N ARG A 188 -20.12 6.35 17.59
CA ARG A 188 -18.72 6.76 17.41
C ARG A 188 -18.08 5.99 16.24
N LEU A 189 -18.22 4.66 16.23
CA LEU A 189 -17.66 3.79 15.18
C LEU A 189 -18.31 4.05 13.83
N LYS A 190 -19.65 4.31 13.80
CA LYS A 190 -20.33 4.64 12.54
C LYS A 190 -19.77 5.95 11.99
N ASP A 191 -19.73 7.00 12.84
CA ASP A 191 -19.19 8.31 12.47
C ASP A 191 -17.73 8.21 12.05
N LEU A 192 -16.94 7.36 12.74
CA LEU A 192 -15.50 7.18 12.43
C LEU A 192 -15.26 6.47 11.09
N ILE A 193 -16.02 5.39 10.82
CA ILE A 193 -15.91 4.66 9.55
C ILE A 193 -16.27 5.63 8.41
N LYS A 194 -17.38 6.39 8.57
CA LYS A 194 -17.84 7.41 7.61
C LYS A 194 -16.79 8.55 7.38
N LYS A 195 -16.23 9.10 8.47
CA LYS A 195 -15.27 10.22 8.44
C LYS A 195 -13.98 9.92 7.66
N HIS A 196 -13.31 8.80 7.96
CA HIS A 196 -12.02 8.50 7.34
C HIS A 196 -11.96 7.26 6.42
N SER A 197 -12.95 6.38 6.46
CA SER A 197 -12.89 5.15 5.65
C SER A 197 -14.16 4.91 4.81
N GLU A 198 -14.87 5.97 4.44
CA GLU A 198 -16.12 5.91 3.67
C GLU A 198 -15.98 5.21 2.32
N PHE A 199 -14.93 5.55 1.56
CA PHE A 199 -14.82 5.04 0.19
C PHE A 199 -13.78 3.93 0.04
N ILE A 200 -13.72 3.03 1.05
CA ILE A 200 -12.86 1.84 1.01
C ILE A 200 -13.62 0.88 0.06
N GLY A 201 -12.88 0.18 -0.81
CA GLY A 201 -13.45 -0.71 -1.82
C GLY A 201 -13.93 -2.08 -1.37
N TYR A 202 -14.26 -2.19 -0.08
CA TYR A 202 -14.82 -3.38 0.57
C TYR A 202 -15.80 -2.82 1.57
N ASP A 203 -16.86 -3.56 1.85
CA ASP A 203 -17.80 -3.15 2.88
C ASP A 203 -17.06 -3.17 4.21
N ILE A 204 -17.26 -2.14 5.02
CA ILE A 204 -16.68 -2.18 6.35
C ILE A 204 -17.84 -2.65 7.24
N GLU A 205 -17.81 -3.94 7.56
CA GLU A 205 -18.85 -4.59 8.33
C GLU A 205 -18.78 -4.17 9.78
N LEU A 206 -19.83 -3.48 10.26
CA LEU A 206 -19.83 -3.08 11.67
C LEU A 206 -20.86 -3.93 12.39
N MET A 207 -20.39 -4.76 13.36
CA MET A 207 -21.31 -5.56 14.15
C MET A 207 -22.14 -4.61 14.99
N VAL A 208 -23.41 -4.41 14.60
CA VAL A 208 -24.26 -3.48 15.34
C VAL A 208 -25.04 -4.24 16.42
N GLU A 209 -25.52 -5.46 16.10
CA GLU A 209 -26.29 -6.32 16.99
C GLU A 209 -25.88 -7.79 16.80
N MET B 2 4.84 -8.48 -32.43
CA MET B 2 3.50 -8.09 -32.89
C MET B 2 2.86 -7.18 -31.83
N THR B 3 2.46 -5.96 -32.26
CA THR B 3 1.78 -5.06 -31.34
C THR B 3 0.31 -5.48 -31.24
N GLU B 4 -0.13 -5.82 -30.03
CA GLU B 4 -1.51 -6.19 -29.78
C GLU B 4 -2.18 -4.96 -29.16
N THR B 5 -3.43 -4.69 -29.52
CA THR B 5 -4.13 -3.51 -29.03
C THR B 5 -5.35 -3.95 -28.27
N PHE B 6 -5.57 -3.31 -27.11
CA PHE B 6 -6.69 -3.65 -26.25
C PHE B 6 -7.50 -2.44 -25.89
N ALA B 7 -8.81 -2.64 -25.69
CA ALA B 7 -9.69 -1.58 -25.27
C ALA B 7 -9.66 -1.58 -23.75
N PHE B 8 -9.60 -0.37 -23.14
CA PHE B 8 -9.64 -0.24 -21.69
C PHE B 8 -11.08 -0.58 -21.29
N GLN B 9 -11.29 -0.95 -20.03
CA GLN B 9 -12.65 -1.14 -19.53
C GLN B 9 -13.25 0.26 -19.49
N ALA B 10 -14.58 0.36 -19.64
CA ALA B 10 -15.33 1.62 -19.66
C ALA B 10 -14.95 2.55 -18.52
N GLU B 11 -14.81 2.03 -17.28
CA GLU B 11 -14.45 2.78 -16.06
C GLU B 11 -13.03 3.40 -16.14
N ILE B 12 -12.05 2.65 -16.70
CA ILE B 12 -10.66 3.11 -16.81
C ILE B 12 -10.59 4.21 -17.82
N ASN B 13 -11.27 4.03 -18.97
CA ASN B 13 -11.31 5.03 -20.01
C ASN B 13 -11.87 6.34 -19.50
N GLN B 14 -12.96 6.30 -18.69
CA GLN B 14 -13.58 7.49 -18.09
C GLN B 14 -12.58 8.21 -17.22
N LEU B 15 -11.87 7.46 -16.35
CA LEU B 15 -10.87 8.00 -15.44
C LEU B 15 -9.72 8.67 -16.21
N MET B 16 -9.25 8.02 -17.30
CA MET B 16 -8.16 8.57 -18.10
C MET B 16 -8.56 9.87 -18.79
N SER B 17 -9.80 9.93 -19.35
N SER B 17 -9.79 9.94 -19.36
CA SER B 17 -10.34 11.12 -20.02
CA SER B 17 -10.29 11.14 -20.03
C SER B 17 -10.42 12.28 -19.03
C SER B 17 -10.39 12.29 -19.02
N LEU B 18 -10.85 11.97 -17.78
CA LEU B 18 -10.97 12.93 -16.70
C LEU B 18 -9.60 13.46 -16.27
N ILE B 19 -8.58 12.58 -16.15
CA ILE B 19 -7.23 13.00 -15.69
C ILE B 19 -6.51 13.85 -16.73
N ILE B 20 -6.50 13.41 -18.01
CA ILE B 20 -5.74 14.09 -19.08
C ILE B 20 -6.27 15.51 -19.34
N ASN B 21 -7.55 15.75 -19.03
CA ASN B 21 -8.25 17.01 -19.25
C ASN B 21 -8.48 17.87 -18.00
N THR B 22 -7.98 17.43 -16.84
CA THR B 22 -8.21 18.16 -15.58
C THR B 22 -7.45 19.50 -15.51
N PHE B 23 -8.05 20.46 -14.81
CA PHE B 23 -7.48 21.77 -14.53
C PHE B 23 -6.96 21.85 -13.08
N TYR B 24 -6.65 20.69 -12.50
CA TYR B 24 -6.10 20.57 -11.15
C TYR B 24 -4.84 21.44 -10.98
N SER B 25 -4.80 22.23 -9.90
CA SER B 25 -3.72 23.18 -9.62
C SER B 25 -2.42 22.59 -9.04
N ASN B 26 -2.37 21.29 -8.75
CA ASN B 26 -1.16 20.69 -8.14
C ASN B 26 -0.80 19.39 -8.83
N LYS B 27 -0.61 19.46 -10.16
CA LYS B 27 -0.29 18.33 -11.05
C LYS B 27 1.03 17.65 -10.74
N GLU B 28 1.92 18.29 -9.93
CA GLU B 28 3.22 17.73 -9.49
C GLU B 28 3.06 16.43 -8.68
N ILE B 29 1.86 16.16 -8.12
CA ILE B 29 1.53 14.93 -7.34
C ILE B 29 1.84 13.66 -8.13
N PHE B 30 1.88 13.74 -9.49
CA PHE B 30 2.16 12.57 -10.32
C PHE B 30 3.45 11.85 -9.88
N LEU B 31 4.55 12.62 -9.59
CA LEU B 31 5.87 12.09 -9.27
C LEU B 31 5.85 11.29 -7.99
N ARG B 32 5.18 11.84 -6.94
CA ARG B 32 4.98 11.14 -5.66
C ARG B 32 4.22 9.82 -5.88
N GLU B 33 3.17 9.80 -6.77
CA GLU B 33 2.38 8.59 -7.00
C GLU B 33 3.20 7.49 -7.66
N LEU B 34 4.03 7.84 -8.66
CA LEU B 34 4.88 6.90 -9.38
C LEU B 34 6.02 6.37 -8.50
N ILE B 35 6.60 7.25 -7.62
CA ILE B 35 7.67 6.86 -6.68
C ILE B 35 7.07 5.95 -5.60
N SER B 36 5.81 6.23 -5.18
CA SER B 36 5.11 5.42 -4.17
C SER B 36 4.88 3.98 -4.75
N ASN B 37 4.47 3.88 -6.03
CA ASN B 37 4.29 2.61 -6.74
C ASN B 37 5.60 1.86 -6.86
N SER B 38 6.69 2.59 -7.21
CA SER B 38 8.03 2.02 -7.33
C SER B 38 8.49 1.46 -6.00
N SER B 39 8.17 2.15 -4.88
CA SER B 39 8.52 1.71 -3.52
C SER B 39 7.77 0.44 -3.16
N ASP B 40 6.51 0.31 -3.61
CA ASP B 40 5.74 -0.89 -3.35
C ASP B 40 6.27 -2.05 -4.15
N ALA B 41 6.72 -1.78 -5.39
CA ALA B 41 7.29 -2.82 -6.25
C ALA B 41 8.57 -3.38 -5.65
N CYS B 42 9.38 -2.48 -5.07
CA CYS B 42 10.66 -2.78 -4.43
C CYS B 42 10.42 -3.59 -3.14
N ASP B 43 9.39 -3.21 -2.34
CA ASP B 43 8.99 -3.91 -1.10
C ASP B 43 8.57 -5.33 -1.43
N LYS B 44 7.74 -5.52 -2.50
CA LYS B 44 7.26 -6.84 -2.93
C LYS B 44 8.40 -7.80 -3.27
N ILE B 45 9.34 -7.41 -4.15
CA ILE B 45 10.46 -8.29 -4.50
C ILE B 45 11.34 -8.59 -3.24
N ARG B 46 11.63 -7.57 -2.40
CA ARG B 46 12.39 -7.77 -1.16
C ARG B 46 11.66 -8.77 -0.25
N TYR B 47 10.34 -8.59 -0.08
CA TYR B 47 9.52 -9.49 0.73
C TYR B 47 9.72 -10.95 0.30
N GLN B 48 9.58 -11.22 -1.02
CA GLN B 48 9.79 -12.56 -1.57
C GLN B 48 11.22 -13.06 -1.30
N SER B 49 12.21 -12.14 -1.40
CA SER B 49 13.63 -12.44 -1.19
C SER B 49 13.99 -12.82 0.25
N LEU B 50 13.14 -12.44 1.24
CA LEU B 50 13.37 -12.81 2.64
C LEU B 50 13.13 -14.31 2.89
N THR B 51 12.31 -14.97 2.04
CA THR B 51 12.04 -16.41 2.12
C THR B 51 12.82 -17.17 1.02
N ASN B 52 13.12 -16.50 -0.11
CA ASN B 52 13.85 -17.07 -1.23
C ASN B 52 14.71 -16.01 -1.93
N GLN B 53 16.00 -15.94 -1.56
CA GLN B 53 16.98 -15.01 -2.11
C GLN B 53 17.11 -15.11 -3.64
N SER B 54 16.84 -16.29 -4.24
CA SER B 54 16.91 -16.59 -5.68
C SER B 54 16.11 -15.59 -6.56
N VAL B 55 14.97 -15.08 -6.02
CA VAL B 55 14.09 -14.12 -6.73
C VAL B 55 14.82 -12.80 -7.11
N LEU B 56 15.97 -12.51 -6.46
CA LEU B 56 16.76 -11.30 -6.75
C LEU B 56 17.64 -11.46 -8.00
N GLY B 57 17.92 -12.71 -8.39
CA GLY B 57 18.75 -13.10 -9.52
C GLY B 57 20.08 -12.37 -9.56
N ASP B 58 20.34 -11.70 -10.71
CA ASP B 58 21.56 -10.92 -10.93
C ASP B 58 21.36 -9.46 -10.52
N GLU B 59 20.12 -9.09 -10.11
CA GLU B 59 19.76 -7.72 -9.74
C GLU B 59 19.43 -7.62 -8.22
N PRO B 60 20.43 -7.54 -7.31
CA PRO B 60 20.10 -7.41 -5.87
C PRO B 60 19.78 -6.00 -5.40
N HIS B 61 20.32 -4.93 -6.07
CA HIS B 61 20.05 -3.57 -5.60
C HIS B 61 18.63 -3.16 -5.93
N LEU B 62 17.96 -2.57 -4.94
CA LEU B 62 16.59 -2.10 -5.02
C LEU B 62 16.62 -0.59 -5.09
N ARG B 63 16.41 -0.07 -6.30
CA ARG B 63 16.51 1.38 -6.51
C ARG B 63 15.34 1.94 -7.28
N ILE B 64 15.17 3.25 -7.13
CA ILE B 64 14.16 4.07 -7.78
C ILE B 64 14.98 5.19 -8.40
N ARG B 65 14.80 5.42 -9.71
CA ARG B 65 15.59 6.42 -10.44
C ARG B 65 14.68 7.29 -11.30
N VAL B 66 14.92 8.60 -11.24
CA VAL B 66 14.19 9.59 -12.03
C VAL B 66 15.14 10.11 -13.13
N ILE B 67 14.71 10.08 -14.40
CA ILE B 67 15.55 10.40 -15.55
C ILE B 67 14.90 11.43 -16.51
N PRO B 68 15.26 12.74 -16.41
CA PRO B 68 14.75 13.69 -17.42
C PRO B 68 15.54 13.52 -18.72
N ASP B 69 14.87 13.63 -19.88
CA ASP B 69 15.50 13.54 -21.21
C ASP B 69 15.02 14.79 -21.95
N ARG B 70 15.88 15.84 -21.95
CA ARG B 70 15.63 17.15 -22.56
C ARG B 70 15.48 17.12 -24.09
N VAL B 71 16.07 16.13 -24.77
CA VAL B 71 16.01 16.02 -26.23
C VAL B 71 14.66 15.39 -26.65
N ASN B 72 14.27 14.27 -26.00
CA ASN B 72 13.01 13.57 -26.29
C ASN B 72 11.83 14.19 -25.59
N LYS B 73 12.09 15.09 -24.61
CA LYS B 73 11.11 15.81 -23.77
C LYS B 73 10.21 14.81 -22.97
N THR B 74 10.89 13.81 -22.38
CA THR B 74 10.29 12.75 -21.57
C THR B 74 10.86 12.75 -20.15
N LEU B 75 10.06 12.23 -19.19
CA LEU B 75 10.49 12.03 -17.81
C LEU B 75 10.25 10.56 -17.48
N THR B 76 11.33 9.87 -17.09
CA THR B 76 11.26 8.45 -16.78
C THR B 76 11.39 8.20 -15.30
N VAL B 77 10.52 7.31 -14.75
CA VAL B 77 10.56 6.82 -13.37
C VAL B 77 10.85 5.32 -13.52
N GLU B 78 12.06 4.93 -13.17
CA GLU B 78 12.58 3.56 -13.28
C GLU B 78 12.84 2.95 -11.90
N ASP B 79 12.54 1.65 -11.75
CA ASP B 79 12.80 0.93 -10.50
C ASP B 79 13.25 -0.49 -10.82
N SER B 80 13.92 -1.12 -9.88
CA SER B 80 14.35 -2.52 -9.99
C SER B 80 13.43 -3.38 -9.09
N GLY B 81 12.14 -3.03 -9.07
CA GLY B 81 11.13 -3.73 -8.28
C GLY B 81 10.71 -5.05 -8.89
N ILE B 82 9.58 -5.59 -8.41
CA ILE B 82 9.00 -6.85 -8.86
C ILE B 82 8.70 -6.89 -10.39
N GLY B 83 8.30 -5.76 -10.99
CA GLY B 83 7.95 -5.72 -12.42
C GLY B 83 6.57 -6.32 -12.69
N MET B 84 6.10 -6.20 -13.95
CA MET B 84 4.79 -6.68 -14.36
C MET B 84 4.86 -7.73 -15.46
N THR B 85 3.95 -8.69 -15.41
CA THR B 85 3.83 -9.76 -16.42
C THR B 85 2.93 -9.20 -17.56
N LYS B 86 2.78 -9.96 -18.65
CA LYS B 86 1.85 -9.58 -19.73
C LYS B 86 0.43 -9.58 -19.14
N ALA B 87 0.05 -10.64 -18.41
CA ALA B 87 -1.30 -10.73 -17.79
C ALA B 87 -1.57 -9.53 -16.87
N ASP B 88 -0.51 -9.00 -16.20
CA ASP B 88 -0.63 -7.79 -15.37
C ASP B 88 -1.05 -6.60 -16.24
N LEU B 89 -0.30 -6.37 -17.30
CA LEU B 89 -0.48 -5.27 -18.25
C LEU B 89 -1.81 -5.33 -19.02
N VAL B 90 -2.17 -6.52 -19.49
CA VAL B 90 -3.36 -6.76 -20.31
C VAL B 90 -4.65 -6.85 -19.48
N ASN B 91 -4.64 -7.62 -18.37
CA ASN B 91 -5.87 -7.85 -17.62
C ASN B 91 -5.86 -7.54 -16.12
N ASN B 92 -4.92 -8.15 -15.35
CA ASN B 92 -4.88 -8.10 -13.88
C ASN B 92 -4.88 -6.69 -13.28
N LEU B 93 -4.04 -5.77 -13.75
CA LEU B 93 -3.98 -4.42 -13.17
C LEU B 93 -5.27 -3.64 -13.40
N GLY B 94 -5.87 -3.83 -14.56
CA GLY B 94 -7.14 -3.20 -14.93
C GLY B 94 -8.30 -3.66 -14.08
N THR B 95 -8.32 -4.96 -13.74
CA THR B 95 -9.34 -5.62 -12.92
C THR B 95 -9.33 -5.05 -11.48
N ILE B 96 -8.14 -4.88 -10.90
CA ILE B 96 -7.98 -4.33 -9.55
C ILE B 96 -8.24 -2.80 -9.56
N ALA B 97 -7.84 -2.11 -10.64
CA ALA B 97 -8.05 -0.66 -10.81
C ALA B 97 -9.54 -0.29 -10.99
N ARG B 98 -10.38 -1.21 -11.55
CA ARG B 98 -11.82 -0.97 -11.79
C ARG B 98 -12.54 -0.59 -10.49
N SER B 99 -12.27 -1.36 -9.41
CA SER B 99 -12.82 -1.13 -8.08
C SER B 99 -12.37 0.20 -7.46
N GLY B 100 -11.07 0.49 -7.57
CA GLY B 100 -10.47 1.72 -7.03
C GLY B 100 -10.93 2.96 -7.76
N THR B 101 -11.13 2.85 -9.09
CA THR B 101 -11.62 3.93 -9.95
C THR B 101 -13.00 4.38 -9.46
N LYS B 102 -13.94 3.42 -9.28
CA LYS B 102 -15.32 3.68 -8.82
C LYS B 102 -15.33 4.40 -7.47
N SER B 103 -14.51 3.93 -6.51
CA SER B 103 -14.37 4.50 -5.17
C SER B 103 -13.80 5.93 -5.24
N PHE B 104 -12.78 6.16 -6.12
CA PHE B 104 -12.16 7.47 -6.36
C PHE B 104 -13.18 8.43 -6.97
N MET B 105 -13.99 7.95 -7.95
CA MET B 105 -15.05 8.72 -8.59
C MET B 105 -16.10 9.20 -7.57
N GLU B 106 -16.53 8.29 -6.68
CA GLU B 106 -17.48 8.53 -5.59
C GLU B 106 -16.94 9.61 -4.65
N ALA B 107 -15.64 9.51 -4.30
CA ALA B 107 -14.95 10.46 -3.43
C ALA B 107 -14.90 11.85 -4.08
N LEU B 108 -14.52 11.94 -5.38
CA LEU B 108 -14.45 13.20 -6.15
C LEU B 108 -15.80 13.89 -6.22
N GLU B 109 -16.87 13.11 -6.52
CA GLU B 109 -18.26 13.55 -6.61
C GLU B 109 -18.75 14.14 -5.30
N ALA B 110 -18.29 13.57 -4.17
CA ALA B 110 -18.58 14.01 -2.80
C ALA B 110 -17.68 15.19 -2.36
N GLY B 111 -16.97 15.79 -3.32
CA GLY B 111 -16.10 16.94 -3.10
C GLY B 111 -14.67 16.62 -2.68
N GLY B 112 -14.16 15.48 -3.15
CA GLY B 112 -12.78 15.08 -2.88
C GLY B 112 -11.81 15.78 -3.80
N ASP B 113 -10.51 15.57 -3.58
CA ASP B 113 -9.45 16.20 -4.37
C ASP B 113 -8.70 15.19 -5.27
N MET B 114 -8.08 15.65 -6.38
CA MET B 114 -7.29 14.80 -7.27
C MET B 114 -6.10 14.17 -6.52
N SER B 115 -5.65 14.84 -5.46
CA SER B 115 -4.53 14.43 -4.61
C SER B 115 -4.77 13.10 -3.89
N MET B 116 -6.04 12.67 -3.77
CA MET B 116 -6.47 11.45 -3.09
C MET B 116 -6.28 10.18 -3.93
N ILE B 117 -5.94 10.32 -5.23
CA ILE B 117 -5.83 9.24 -6.21
C ILE B 117 -5.09 7.99 -5.67
N GLY B 118 -3.94 8.18 -5.03
CA GLY B 118 -3.12 7.10 -4.46
C GLY B 118 -3.81 6.29 -3.40
N GLN B 119 -4.67 6.93 -2.58
CA GLN B 119 -5.46 6.28 -1.51
C GLN B 119 -6.44 5.24 -2.13
N PHE B 120 -6.71 5.35 -3.44
CA PHE B 120 -7.61 4.46 -4.17
C PHE B 120 -6.82 3.46 -5.05
N GLY B 121 -5.49 3.44 -4.91
CA GLY B 121 -4.62 2.52 -5.64
C GLY B 121 -4.61 2.67 -7.15
N VAL B 122 -4.95 3.87 -7.65
CA VAL B 122 -5.00 4.17 -9.07
C VAL B 122 -4.09 5.36 -9.43
N GLY B 123 -3.13 5.63 -8.53
CA GLY B 123 -2.13 6.69 -8.66
C GLY B 123 -1.30 6.65 -9.93
N PHE B 124 -1.14 5.46 -10.56
CA PHE B 124 -0.38 5.35 -11.83
C PHE B 124 -0.94 6.33 -12.90
N TYR B 125 -2.28 6.38 -13.03
CA TYR B 125 -2.99 7.15 -14.05
C TYR B 125 -2.81 8.67 -13.88
N SER B 126 -2.33 9.14 -12.71
CA SER B 126 -2.03 10.57 -12.48
C SER B 126 -0.86 11.03 -13.38
N ALA B 127 -0.14 10.07 -14.04
CA ALA B 127 0.93 10.36 -15.02
C ALA B 127 0.34 11.24 -16.12
N TYR B 128 -0.96 11.00 -16.45
CA TYR B 128 -1.68 11.74 -17.50
C TYR B 128 -2.04 13.18 -17.10
N LEU B 129 -1.73 13.61 -15.88
CA LEU B 129 -1.93 15.03 -15.52
C LEU B 129 -0.87 15.85 -16.27
N VAL B 130 0.33 15.27 -16.49
CA VAL B 130 1.47 15.98 -17.10
C VAL B 130 1.94 15.40 -18.44
N ALA B 131 1.48 14.18 -18.78
CA ALA B 131 1.89 13.50 -20.00
C ALA B 131 0.74 13.28 -20.96
N ASP B 132 1.01 13.30 -22.27
CA ASP B 132 -0.02 13.00 -23.29
C ASP B 132 0.14 11.57 -23.82
N ARG B 133 1.24 10.90 -23.45
N ARG B 133 1.24 10.90 -23.45
CA ARG B 133 1.55 9.51 -23.80
CA ARG B 133 1.56 9.52 -23.82
C ARG B 133 2.46 8.95 -22.71
C ARG B 133 2.47 8.94 -22.74
N VAL B 134 2.16 7.71 -22.28
CA VAL B 134 2.93 7.00 -21.26
C VAL B 134 3.32 5.64 -21.84
N THR B 135 4.59 5.28 -21.71
CA THR B 135 5.16 4.00 -22.17
C THR B 135 5.72 3.30 -20.94
N VAL B 136 5.28 2.07 -20.71
CA VAL B 136 5.75 1.28 -19.58
C VAL B 136 6.43 0.01 -20.09
N VAL B 137 7.74 -0.11 -19.85
CA VAL B 137 8.54 -1.29 -20.16
C VAL B 137 8.73 -1.97 -18.81
N SER B 138 8.44 -3.26 -18.74
CA SER B 138 8.54 -3.96 -17.46
C SER B 138 9.02 -5.35 -17.62
N LYS B 139 9.73 -5.85 -16.61
CA LYS B 139 10.26 -7.20 -16.57
C LYS B 139 10.04 -7.80 -15.19
N ASN B 140 9.24 -8.86 -15.15
CA ASN B 140 8.92 -9.61 -13.94
C ASN B 140 9.58 -10.98 -14.11
N ASN B 141 10.05 -11.60 -13.00
CA ASN B 141 10.71 -12.92 -13.02
C ASN B 141 9.92 -14.03 -13.70
N GLU B 142 8.57 -13.93 -13.75
CA GLU B 142 7.65 -14.92 -14.30
C GLU B 142 7.32 -14.74 -15.78
N ASP B 143 7.81 -13.69 -16.43
CA ASP B 143 7.48 -13.46 -17.84
C ASP B 143 8.62 -12.83 -18.58
N ASP B 144 8.48 -12.69 -19.90
CA ASP B 144 9.43 -11.98 -20.74
C ASP B 144 9.16 -10.47 -20.56
N ALA B 145 10.06 -9.61 -21.07
CA ALA B 145 9.90 -8.16 -21.01
C ALA B 145 8.84 -7.71 -22.03
N TYR B 146 7.94 -6.80 -21.61
CA TYR B 146 6.86 -6.26 -22.43
C TYR B 146 6.80 -4.76 -22.31
N THR B 147 6.32 -4.11 -23.39
CA THR B 147 6.08 -2.67 -23.45
C THR B 147 4.60 -2.45 -23.63
N TRP B 148 4.04 -1.63 -22.76
CA TRP B 148 2.65 -1.21 -22.70
C TRP B 148 2.72 0.28 -23.07
N GLU B 149 1.74 0.77 -23.84
CA GLU B 149 1.76 2.16 -24.26
C GLU B 149 0.36 2.67 -24.45
N SER B 150 0.11 3.93 -24.04
CA SER B 150 -1.22 4.52 -24.26
C SER B 150 -1.17 6.05 -24.28
N SER B 151 -1.99 6.63 -25.19
CA SER B 151 -2.16 8.06 -25.34
C SER B 151 -3.52 8.50 -24.73
N ALA B 152 -4.19 7.59 -23.98
CA ALA B 152 -5.47 7.80 -23.30
C ALA B 152 -6.62 8.12 -24.28
N GLY B 153 -6.64 7.39 -25.40
CA GLY B 153 -7.67 7.53 -26.41
C GLY B 153 -8.66 6.37 -26.39
N GLY B 154 -8.61 5.55 -25.34
CA GLY B 154 -9.50 4.40 -25.17
C GLY B 154 -8.84 3.06 -25.37
N THR B 155 -7.63 3.06 -25.92
CA THR B 155 -6.91 1.81 -26.17
C THR B 155 -5.48 1.88 -25.62
N PHE B 156 -4.84 0.71 -25.53
CA PHE B 156 -3.45 0.59 -25.12
C PHE B 156 -2.84 -0.54 -25.91
N THR B 157 -1.54 -0.52 -26.09
CA THR B 157 -0.83 -1.59 -26.79
C THR B 157 0.08 -2.30 -25.80
N VAL B 158 0.39 -3.57 -26.08
CA VAL B 158 1.27 -4.44 -25.30
C VAL B 158 2.11 -5.20 -26.34
N THR B 159 3.42 -5.01 -26.30
CA THR B 159 4.34 -5.64 -27.26
C THR B 159 5.53 -6.24 -26.52
N SER B 160 5.95 -7.47 -26.92
CA SER B 160 7.13 -8.13 -26.36
C SER B 160 8.36 -7.29 -26.67
N THR B 161 9.25 -7.11 -25.67
CA THR B 161 10.46 -6.29 -25.81
C THR B 161 11.73 -7.16 -25.56
N PRO B 162 12.09 -8.12 -26.44
CA PRO B 162 13.28 -8.94 -26.17
C PRO B 162 14.59 -8.29 -26.65
N ASP B 165 16.88 -4.19 -21.89
CA ASP B 165 18.07 -4.39 -21.05
C ASP B 165 17.75 -4.51 -19.55
N LEU B 166 16.45 -4.32 -19.14
CA LEU B 166 15.99 -4.46 -17.75
C LEU B 166 16.10 -5.92 -17.32
N LYS B 167 16.80 -6.20 -16.22
CA LYS B 167 16.91 -7.58 -15.68
C LYS B 167 15.62 -7.92 -14.92
N ARG B 168 15.09 -6.92 -14.19
CA ARG B 168 13.85 -7.01 -13.40
C ARG B 168 13.46 -5.58 -12.99
N GLY B 169 12.18 -5.27 -13.16
CA GLY B 169 11.66 -3.96 -12.76
C GLY B 169 10.81 -3.30 -13.82
N THR B 170 10.64 -1.99 -13.71
CA THR B 170 9.76 -1.21 -14.56
C THR B 170 10.35 0.14 -14.88
N ARG B 171 10.12 0.59 -16.11
CA ARG B 171 10.54 1.86 -16.66
C ARG B 171 9.29 2.55 -17.18
N ILE B 172 8.88 3.65 -16.53
CA ILE B 172 7.70 4.42 -16.93
C ILE B 172 8.13 5.73 -17.58
N VAL B 173 7.91 5.82 -18.89
CA VAL B 173 8.33 6.95 -19.72
C VAL B 173 7.12 7.83 -19.99
N LEU B 174 7.17 9.06 -19.50
CA LEU B 174 6.12 10.06 -19.67
C LEU B 174 6.52 11.02 -20.76
N HIS B 175 5.74 11.10 -21.86
CA HIS B 175 5.99 12.13 -22.86
C HIS B 175 5.25 13.36 -22.33
N LEU B 176 5.98 14.39 -21.90
CA LEU B 176 5.35 15.54 -21.26
C LEU B 176 4.51 16.40 -22.21
N LYS B 177 3.37 16.91 -21.67
CA LYS B 177 2.44 17.84 -22.35
C LYS B 177 3.23 19.12 -22.60
N GLU B 178 2.85 19.92 -23.64
CA GLU B 178 3.58 21.14 -24.02
C GLU B 178 3.74 22.15 -22.88
N ASP B 179 2.72 22.25 -22.03
CA ASP B 179 2.73 23.18 -20.90
C ASP B 179 3.33 22.59 -19.62
N GLN B 180 3.92 21.37 -19.69
CA GLN B 180 4.47 20.68 -18.52
C GLN B 180 5.99 20.35 -18.64
N GLN B 181 6.73 21.13 -19.43
CA GLN B 181 8.16 20.95 -19.64
C GLN B 181 9.01 21.26 -18.40
N GLU B 182 8.42 21.94 -17.39
CA GLU B 182 9.15 22.23 -16.14
C GLU B 182 9.62 20.95 -15.42
N TYR B 183 9.00 19.79 -15.70
CA TYR B 183 9.37 18.51 -15.10
C TYR B 183 10.61 17.87 -15.77
N LEU B 184 11.30 18.62 -16.62
CA LEU B 184 12.56 18.22 -17.23
C LEU B 184 13.71 18.91 -16.47
N GLU B 185 13.39 19.98 -15.72
CA GLU B 185 14.32 20.85 -15.00
C GLU B 185 14.90 20.19 -13.76
N GLU B 186 16.22 20.25 -13.61
CA GLU B 186 16.97 19.67 -12.49
C GLU B 186 16.54 20.21 -11.11
N ARG B 187 16.41 21.55 -10.99
N ARG B 187 16.41 21.55 -10.96
CA ARG B 187 16.02 22.23 -9.75
CA ARG B 187 16.02 22.13 -9.68
C ARG B 187 14.61 21.80 -9.31
C ARG B 187 14.59 21.72 -9.30
N ARG B 188 13.64 21.81 -10.27
CA ARG B 188 12.25 21.42 -10.06
C ARG B 188 12.14 19.96 -9.58
N LEU B 189 12.87 19.06 -10.24
CA LEU B 189 12.87 17.64 -9.87
C LEU B 189 13.55 17.37 -8.53
N LYS B 190 14.68 18.09 -8.22
CA LYS B 190 15.38 17.95 -6.93
C LYS B 190 14.48 18.30 -5.74
N ASP B 191 13.81 19.46 -5.81
CA ASP B 191 12.93 19.94 -4.75
C ASP B 191 11.71 19.05 -4.58
N LEU B 192 11.15 18.56 -5.70
CA LEU B 192 9.99 17.68 -5.73
C LEU B 192 10.35 16.32 -5.14
N ILE B 193 11.52 15.76 -5.50
CA ILE B 193 11.99 14.50 -4.94
C ILE B 193 12.18 14.64 -3.42
N LYS B 194 12.96 15.65 -2.96
CA LYS B 194 13.25 15.94 -1.54
C LYS B 194 11.99 16.13 -0.69
N LYS B 195 10.94 16.74 -1.27
CA LYS B 195 9.63 17.01 -0.66
C LYS B 195 8.96 15.76 -0.03
N HIS B 196 9.11 14.54 -0.64
CA HIS B 196 8.45 13.33 -0.10
C HIS B 196 9.42 12.12 -0.03
N SER B 197 10.74 12.42 -0.01
CA SER B 197 11.83 11.45 0.09
C SER B 197 11.85 10.76 1.47
N GLU B 198 11.35 11.45 2.50
CA GLU B 198 11.24 10.98 3.89
C GLU B 198 10.37 9.74 4.00
N PHE B 199 9.30 9.69 3.16
CA PHE B 199 8.31 8.62 3.12
C PHE B 199 8.79 7.35 2.39
N ILE B 200 9.90 7.43 1.62
CA ILE B 200 10.37 6.30 0.81
C ILE B 200 11.60 5.63 1.42
N GLY B 201 11.47 4.36 1.77
CA GLY B 201 12.53 3.56 2.39
C GLY B 201 13.58 3.05 1.42
N TYR B 202 13.80 3.80 0.35
CA TYR B 202 14.75 3.53 -0.73
C TYR B 202 15.30 4.86 -1.20
N ASP B 203 16.55 4.84 -1.70
CA ASP B 203 17.18 6.04 -2.21
C ASP B 203 16.58 6.38 -3.57
N ILE B 204 16.19 7.65 -3.75
CA ILE B 204 15.62 8.12 -5.01
C ILE B 204 16.70 8.86 -5.78
N GLU B 205 17.24 8.20 -6.78
CA GLU B 205 18.28 8.76 -7.62
C GLU B 205 17.69 9.65 -8.69
N LEU B 206 18.42 10.73 -9.02
CA LEU B 206 18.07 11.63 -10.11
C LEU B 206 19.24 11.66 -11.08
N MET B 207 19.00 11.28 -12.35
CA MET B 207 20.06 11.30 -13.37
C MET B 207 20.26 12.71 -13.91
N VAL B 208 21.25 13.42 -13.34
CA VAL B 208 21.64 14.79 -13.69
C VAL B 208 22.62 14.81 -14.87
#